data_2BQ5
#
_entry.id   2BQ5
#
_cell.length_a   467.050
_cell.length_b   285.590
_cell.length_c   273.300
_cell.angle_alpha   90.00
_cell.angle_beta   122.23
_cell.angle_gamma   90.00
#
_symmetry.space_group_name_H-M   'C 1 2 1'
#
loop_
_entity.id
_entity.type
_entity.pdbx_description
1 polymer 'COAT PROTEIN'
2 polymer "5'-R(*AP*CP*AP*UP*GP*AP*GP*GP*AP*UP *UP*AP*CP*CP*CP*AP*UP*GP*U)-3'"
#
loop_
_entity_poly.entity_id
_entity_poly.type
_entity_poly.pdbx_seq_one_letter_code
_entity_poly.pdbx_strand_id
1 'polypeptide(L)'
;ASNFTQFVLVDNGGTGDVTVAPSNFANGVAEWISSNSRSQAYKVTCSVRQSSAQNRKYTIKVEVPKVATQTVGGVELPVA
AWRSYLAMKLTIPIFATNSDCELIVKAMQGLLKDGNPIPSAIAANSGIY
;
A,B,C
2 'polyribonucleotide' ACAUGAGGAUUACCCAUGU R,S
#
loop_
_chem_comp.id
_chem_comp.type
_chem_comp.name
_chem_comp.formula
A RNA linking ADENOSINE-5'-MONOPHOSPHATE 'C10 H14 N5 O7 P'
C RNA linking CYTIDINE-5'-MONOPHOSPHATE 'C9 H14 N3 O8 P'
G RNA linking GUANOSINE-5'-MONOPHOSPHATE 'C10 H14 N5 O8 P'
U RNA linking URIDINE-5'-MONOPHOSPHATE 'C9 H13 N2 O9 P'
#
# COMPACT_ATOMS: atom_id res chain seq x y z
N ALA A 1 15.75 8.78 -1.10
CA ALA A 1 14.63 9.66 -0.68
C ALA A 1 13.70 8.89 0.25
N SER A 2 13.03 7.91 -0.34
CA SER A 2 12.05 7.03 0.31
C SER A 2 10.69 7.51 -0.15
N ASN A 3 10.03 6.70 -0.97
CA ASN A 3 8.74 7.10 -1.47
C ASN A 3 7.65 6.65 -0.52
N PHE A 4 8.02 5.84 0.47
CA PHE A 4 7.03 5.34 1.42
C PHE A 4 6.58 6.44 2.37
N THR A 5 5.83 7.39 1.84
CA THR A 5 5.33 8.51 2.62
C THR A 5 3.81 8.53 2.61
N GLN A 6 3.22 9.27 3.54
CA GLN A 6 1.77 9.35 3.58
C GLN A 6 1.39 10.39 2.56
N PHE A 7 0.18 10.28 2.04
CA PHE A 7 -0.31 11.22 1.04
C PHE A 7 -1.79 11.39 1.20
N VAL A 8 -2.34 12.37 0.50
CA VAL A 8 -3.76 12.65 0.56
C VAL A 8 -4.43 11.86 -0.55
N LEU A 9 -5.32 10.94 -0.16
CA LEU A 9 -6.04 10.09 -1.10
C LEU A 9 -7.25 10.78 -1.70
N VAL A 10 -8.01 11.48 -0.84
CA VAL A 10 -9.18 12.19 -1.30
C VAL A 10 -9.03 13.63 -0.88
N ASP A 11 -8.84 14.50 -1.86
CA ASP A 11 -8.66 15.91 -1.61
C ASP A 11 -9.96 16.69 -1.69
N ASN A 12 -10.31 17.35 -0.59
CA ASN A 12 -11.52 18.17 -0.53
C ASN A 12 -11.15 19.59 -0.12
N GLY A 13 -9.98 20.02 -0.54
CA GLY A 13 -9.51 21.36 -0.23
C GLY A 13 -9.21 21.55 1.25
N GLY A 14 -8.07 21.01 1.70
CA GLY A 14 -7.67 21.15 3.08
C GLY A 14 -8.54 20.55 4.19
N THR A 15 -9.84 20.77 4.12
CA THR A 15 -10.75 20.26 5.14
C THR A 15 -11.69 19.17 4.65
N GLY A 16 -11.63 18.02 5.33
CA GLY A 16 -12.45 16.88 4.96
C GLY A 16 -11.63 15.90 4.16
N ASP A 17 -10.37 16.26 3.99
CA ASP A 17 -9.43 15.45 3.24
C ASP A 17 -9.17 14.08 3.84
N VAL A 18 -9.26 13.04 3.01
CA VAL A 18 -8.98 11.69 3.47
C VAL A 18 -7.49 11.50 3.25
N THR A 19 -6.74 11.46 4.34
CA THR A 19 -5.31 11.30 4.25
C THR A 19 -4.91 9.90 4.75
N VAL A 20 -4.07 9.24 3.95
CA VAL A 20 -3.62 7.88 4.20
C VAL A 20 -2.10 7.81 4.47
N ALA A 21 -1.69 6.95 5.39
CA ALA A 21 -0.27 6.83 5.77
C ALA A 21 0.29 5.41 5.81
N PRO A 22 1.64 5.27 5.75
CA PRO A 22 2.31 3.97 5.78
C PRO A 22 1.94 3.22 7.04
N SER A 23 1.44 2.00 6.86
CA SER A 23 1.03 1.17 7.98
C SER A 23 1.70 -0.18 8.07
N ASN A 24 2.24 -0.67 6.95
CA ASN A 24 2.92 -1.96 6.96
C ASN A 24 3.59 -2.25 5.65
N PHE A 25 4.74 -2.89 5.71
CA PHE A 25 5.48 -3.27 4.51
C PHE A 25 5.85 -4.75 4.64
N ALA A 26 5.19 -5.44 5.55
CA ALA A 26 5.45 -6.84 5.78
C ALA A 26 5.10 -7.65 4.56
N ASN A 27 5.95 -8.62 4.26
CA ASN A 27 5.79 -9.52 3.11
C ASN A 27 5.93 -8.90 1.73
N GLY A 28 6.63 -7.77 1.64
CA GLY A 28 6.83 -7.14 0.34
C GLY A 28 5.63 -6.39 -0.20
N VAL A 29 4.57 -6.24 0.60
CA VAL A 29 3.42 -5.49 0.12
C VAL A 29 3.33 -4.21 0.94
N ALA A 30 3.43 -3.07 0.26
CA ALA A 30 3.38 -1.78 0.93
C ALA A 30 1.92 -1.44 1.25
N GLU A 31 1.67 -0.99 2.48
CA GLU A 31 0.33 -0.66 2.92
C GLU A 31 0.20 0.72 3.55
N TRP A 32 -0.87 1.41 3.19
CA TRP A 32 -1.20 2.73 3.71
C TRP A 32 -2.66 2.63 4.17
N ILE A 33 -3.01 3.23 5.31
CA ILE A 33 -4.42 3.24 5.72
C ILE A 33 -4.72 4.57 6.39
N SER A 34 -6.00 4.91 6.47
CA SER A 34 -6.42 6.15 7.09
C SER A 34 -6.32 6.00 8.60
N SER A 35 -6.68 7.03 9.36
CA SER A 35 -6.57 6.96 10.81
C SER A 35 -7.76 6.43 11.57
N ASN A 36 -8.56 5.59 10.95
CA ASN A 36 -9.73 5.07 11.65
C ASN A 36 -9.44 3.76 12.34
N SER A 37 -10.51 3.13 12.84
CA SER A 37 -10.37 1.84 13.48
C SER A 37 -10.05 0.98 12.29
N ARG A 38 -9.41 -0.15 12.53
CA ARG A 38 -9.06 -1.01 11.42
C ARG A 38 -10.30 -1.35 10.58
N SER A 39 -11.46 -1.46 11.22
CA SER A 39 -12.71 -1.81 10.53
C SER A 39 -13.30 -0.73 9.62
N GLN A 40 -12.85 0.51 9.78
CA GLN A 40 -13.39 1.60 8.97
C GLN A 40 -12.34 2.32 8.16
N ALA A 41 -11.10 1.87 8.25
CA ALA A 41 -10.04 2.54 7.54
C ALA A 41 -10.11 2.43 6.01
N TYR A 42 -9.45 3.36 5.34
CA TYR A 42 -9.33 3.34 3.89
C TYR A 42 -8.01 2.57 3.77
N LYS A 43 -7.83 1.80 2.70
CA LYS A 43 -6.59 1.08 2.58
C LYS A 43 -6.06 1.17 1.17
N VAL A 44 -4.73 1.25 1.05
CA VAL A 44 -4.06 1.29 -0.24
C VAL A 44 -2.86 0.35 -0.12
N THR A 45 -2.76 -0.60 -1.05
CA THR A 45 -1.64 -1.54 -1.02
C THR A 45 -1.00 -1.56 -2.40
N CYS A 46 0.31 -1.73 -2.42
CA CYS A 46 1.07 -1.74 -3.66
C CYS A 46 2.28 -2.67 -3.59
N SER A 47 2.64 -3.25 -4.74
CA SER A 47 3.78 -4.16 -4.82
C SER A 47 4.20 -4.35 -6.28
N VAL A 48 5.47 -4.70 -6.48
CA VAL A 48 5.99 -4.93 -7.83
C VAL A 48 6.73 -6.24 -7.86
N ARG A 49 6.76 -6.88 -9.01
CA ARG A 49 7.47 -8.15 -9.16
C ARG A 49 7.98 -8.25 -10.58
N GLN A 50 9.10 -8.95 -10.74
CA GLN A 50 9.74 -9.15 -12.03
C GLN A 50 9.10 -10.37 -12.66
N SER A 51 7.78 -10.29 -12.88
CA SER A 51 6.99 -11.40 -13.45
C SER A 51 7.63 -12.19 -14.59
N SER A 52 7.45 -11.73 -15.83
CA SER A 52 8.04 -12.42 -16.97
C SER A 52 9.55 -12.42 -16.86
N ALA A 53 10.17 -13.09 -17.82
CA ALA A 53 11.60 -13.09 -17.85
C ALA A 53 11.96 -11.69 -18.42
N GLN A 54 10.95 -10.91 -18.81
CA GLN A 54 11.18 -9.58 -19.37
C GLN A 54 10.14 -8.50 -19.09
N ASN A 55 9.37 -8.68 -18.02
CA ASN A 55 8.33 -7.72 -17.63
C ASN A 55 8.40 -7.45 -16.15
N ARG A 56 7.84 -6.33 -15.75
CA ARG A 56 7.77 -6.00 -14.34
C ARG A 56 6.27 -5.76 -14.16
N LYS A 57 5.73 -6.14 -13.00
CA LYS A 57 4.30 -6.00 -12.79
C LYS A 57 3.88 -5.34 -11.50
N TYR A 58 3.28 -4.16 -11.61
CA TYR A 58 2.80 -3.45 -10.43
C TYR A 58 1.41 -3.94 -10.09
N THR A 59 1.18 -4.23 -8.82
CA THR A 59 -0.13 -4.69 -8.38
C THR A 59 -0.60 -3.75 -7.27
N ILE A 60 -1.50 -2.85 -7.65
CA ILE A 60 -2.03 -1.84 -6.75
C ILE A 60 -3.47 -2.09 -6.37
N LYS A 61 -3.83 -1.83 -5.12
CA LYS A 61 -5.19 -2.03 -4.62
C LYS A 61 -5.65 -0.90 -3.68
N VAL A 62 -6.89 -0.46 -3.85
CA VAL A 62 -7.48 0.60 -3.02
C VAL A 62 -8.87 0.23 -2.51
N GLU A 63 -9.10 0.46 -1.22
CA GLU A 63 -10.39 0.16 -0.59
C GLU A 63 -11.06 1.44 -0.09
N VAL A 64 -12.25 1.75 -0.60
CA VAL A 64 -12.98 2.94 -0.16
C VAL A 64 -14.19 2.47 0.66
N PRO A 65 -14.17 2.72 1.98
CA PRO A 65 -15.26 2.30 2.88
C PRO A 65 -16.40 3.26 3.04
N LYS A 66 -17.57 2.68 3.30
CA LYS A 66 -18.79 3.47 3.54
C LYS A 66 -19.06 3.30 5.04
N VAL A 67 -18.37 4.12 5.83
CA VAL A 67 -18.48 4.10 7.27
C VAL A 67 -19.90 4.17 7.79
N ALA A 68 -20.17 3.42 8.86
CA ALA A 68 -21.49 3.40 9.49
C ALA A 68 -21.43 2.74 10.86
N THR A 69 -22.39 3.01 11.73
CA THR A 69 -22.39 2.42 13.06
C THR A 69 -23.43 1.34 13.20
N GLN A 70 -22.98 0.13 13.44
CA GLN A 70 -23.90 -0.98 13.57
C GLN A 70 -24.10 -1.44 15.00
N THR A 71 -25.35 -1.73 15.35
CA THR A 71 -25.71 -2.20 16.68
C THR A 71 -25.74 -3.72 16.72
N VAL A 72 -24.68 -4.31 17.25
CA VAL A 72 -24.56 -5.76 17.33
C VAL A 72 -24.71 -6.29 18.75
N GLY A 73 -25.84 -6.91 19.03
CA GLY A 73 -26.07 -7.46 20.34
C GLY A 73 -26.26 -6.39 21.40
N GLY A 74 -27.03 -5.36 21.06
CA GLY A 74 -27.29 -4.28 22.00
C GLY A 74 -26.14 -3.31 22.18
N VAL A 75 -25.03 -3.56 21.51
CA VAL A 75 -23.87 -2.68 21.61
C VAL A 75 -23.50 -2.12 20.24
N GLU A 76 -23.15 -0.85 20.20
CA GLU A 76 -22.79 -0.23 18.93
C GLU A 76 -21.32 -0.34 18.60
N LEU A 77 -21.04 -0.65 17.34
CA LEU A 77 -19.68 -0.80 16.86
C LEU A 77 -19.43 -0.04 15.56
N PRO A 78 -18.20 0.48 15.40
CA PRO A 78 -17.82 1.23 14.21
C PRO A 78 -17.53 0.21 13.10
N VAL A 79 -18.13 0.41 11.94
CA VAL A 79 -17.93 -0.51 10.83
C VAL A 79 -18.21 0.12 9.48
N ALA A 80 -18.00 -0.64 8.40
CA ALA A 80 -18.25 -0.15 7.05
C ALA A 80 -19.48 -0.85 6.49
N ALA A 81 -20.50 -0.09 6.08
CA ALA A 81 -21.71 -0.69 5.53
C ALA A 81 -21.36 -1.53 4.32
N TRP A 82 -20.38 -1.07 3.57
CA TRP A 82 -19.91 -1.77 2.39
C TRP A 82 -18.63 -1.08 1.94
N ARG A 83 -17.89 -1.75 1.06
CA ARG A 83 -16.66 -1.17 0.57
C ARG A 83 -16.63 -1.18 -0.95
N SER A 84 -15.89 -0.24 -1.51
CA SER A 84 -15.74 -0.16 -2.94
C SER A 84 -14.29 -0.57 -3.19
N TYR A 85 -14.08 -1.51 -4.10
CA TYR A 85 -12.73 -2.00 -4.36
C TYR A 85 -12.17 -1.68 -5.73
N LEU A 86 -10.97 -1.12 -5.74
CA LEU A 86 -10.26 -0.81 -6.97
C LEU A 86 -9.00 -1.64 -6.99
N ALA A 87 -8.84 -2.42 -8.04
CA ALA A 87 -7.64 -3.24 -8.18
C ALA A 87 -7.11 -3.01 -9.57
N MET A 88 -5.82 -2.75 -9.67
CA MET A 88 -5.20 -2.53 -10.96
C MET A 88 -3.87 -3.25 -11.14
N LYS A 89 -3.63 -3.69 -12.37
CA LYS A 89 -2.41 -4.39 -12.71
C LYS A 89 -1.74 -3.64 -13.86
N LEU A 90 -0.46 -3.35 -13.69
CA LEU A 90 0.30 -2.63 -14.70
C LEU A 90 1.57 -3.41 -15.07
N THR A 91 1.69 -3.79 -16.33
CA THR A 91 2.87 -4.54 -16.77
C THR A 91 3.71 -3.67 -17.71
N ILE A 92 4.96 -3.44 -17.32
CA ILE A 92 5.89 -2.62 -18.09
C ILE A 92 7.14 -3.39 -18.49
N PRO A 93 7.38 -3.49 -19.81
CA PRO A 93 8.55 -4.20 -20.31
C PRO A 93 9.83 -3.60 -19.74
N ILE A 94 10.80 -4.47 -19.42
CA ILE A 94 12.06 -4.05 -18.82
C ILE A 94 12.80 -2.99 -19.62
N PHE A 95 12.51 -2.93 -20.92
CA PHE A 95 13.15 -1.99 -21.85
C PHE A 95 12.66 -0.56 -21.71
N ALA A 96 11.60 -0.37 -20.93
CA ALA A 96 11.05 0.95 -20.69
C ALA A 96 12.01 1.82 -19.90
N THR A 97 12.24 3.01 -20.44
CA THR A 97 13.10 4.00 -19.81
C THR A 97 12.26 4.70 -18.79
N ASN A 98 12.87 5.60 -18.03
CA ASN A 98 12.13 6.37 -17.04
C ASN A 98 11.25 7.30 -17.84
N SER A 99 11.80 7.81 -18.93
CA SER A 99 11.04 8.69 -19.80
C SER A 99 9.80 7.91 -20.24
N ASP A 100 10.00 6.66 -20.65
CA ASP A 100 8.89 5.81 -21.09
C ASP A 100 7.84 5.63 -19.99
N CYS A 101 8.30 5.30 -18.79
CA CYS A 101 7.40 5.09 -17.66
C CYS A 101 6.60 6.32 -17.28
N GLU A 102 7.24 7.48 -17.31
CA GLU A 102 6.57 8.74 -16.98
C GLU A 102 5.39 8.93 -17.90
N LEU A 103 5.55 8.46 -19.13
CA LEU A 103 4.50 8.57 -20.12
C LEU A 103 3.29 7.79 -19.63
N ILE A 104 3.54 6.54 -19.22
CA ILE A 104 2.49 5.68 -18.71
C ILE A 104 1.73 6.39 -17.60
N VAL A 105 2.47 6.95 -16.66
CA VAL A 105 1.86 7.67 -15.54
C VAL A 105 0.98 8.83 -15.98
N LYS A 106 1.53 9.70 -16.83
CA LYS A 106 0.78 10.83 -17.31
C LYS A 106 -0.51 10.37 -17.98
N ALA A 107 -0.42 9.25 -18.70
CA ALA A 107 -1.58 8.70 -19.40
C ALA A 107 -2.66 8.25 -18.42
N MET A 108 -2.25 7.65 -17.31
CA MET A 108 -3.18 7.19 -16.29
C MET A 108 -3.88 8.36 -15.61
N GLN A 109 -3.17 9.47 -15.48
CA GLN A 109 -3.70 10.65 -14.85
C GLN A 109 -4.74 11.25 -15.79
N GLY A 110 -4.40 11.28 -17.08
CA GLY A 110 -5.31 11.81 -18.07
C GLY A 110 -6.59 11.01 -18.12
N LEU A 111 -6.49 9.69 -17.93
CA LEU A 111 -7.63 8.79 -17.95
C LEU A 111 -8.72 9.18 -16.94
N LEU A 112 -8.27 9.59 -15.75
CA LEU A 112 -9.16 9.95 -14.65
C LEU A 112 -9.33 11.43 -14.36
N LYS A 113 -8.81 12.29 -15.23
CA LYS A 113 -8.94 13.72 -15.01
C LYS A 113 -10.39 14.17 -15.09
N ASP A 114 -10.79 15.04 -14.17
CA ASP A 114 -12.15 15.54 -14.15
C ASP A 114 -12.54 16.05 -15.51
N GLY A 115 -13.70 15.63 -15.99
CA GLY A 115 -14.16 16.08 -17.28
C GLY A 115 -14.07 15.00 -18.33
N ASN A 116 -13.02 14.20 -18.30
CA ASN A 116 -12.89 13.15 -19.29
C ASN A 116 -13.94 12.06 -19.14
N PRO A 117 -14.33 11.43 -20.25
CA PRO A 117 -15.33 10.36 -20.33
C PRO A 117 -15.47 9.38 -19.18
N ILE A 118 -14.39 8.69 -18.85
CA ILE A 118 -14.46 7.68 -17.81
C ILE A 118 -14.78 8.14 -16.38
N PRO A 119 -13.96 9.01 -15.78
CA PRO A 119 -14.37 9.39 -14.42
C PRO A 119 -15.77 9.98 -14.40
N SER A 120 -16.16 10.58 -15.54
CA SER A 120 -17.47 11.19 -15.68
C SER A 120 -18.58 10.17 -15.55
N ALA A 121 -18.50 9.14 -16.38
CA ALA A 121 -19.48 8.07 -16.36
C ALA A 121 -19.52 7.41 -14.98
N ILE A 122 -18.34 7.10 -14.45
CA ILE A 122 -18.25 6.43 -13.16
C ILE A 122 -19.03 7.13 -12.06
N ALA A 123 -18.77 8.43 -11.89
CA ALA A 123 -19.42 9.23 -10.86
C ALA A 123 -20.85 9.64 -11.17
N ALA A 124 -21.41 9.04 -12.19
CA ALA A 124 -22.77 9.34 -12.58
C ALA A 124 -23.57 8.04 -12.64
N ASN A 125 -22.95 6.95 -12.21
CA ASN A 125 -23.59 5.63 -12.25
C ASN A 125 -24.03 5.39 -13.69
N SER A 126 -23.12 5.64 -14.63
CA SER A 126 -23.41 5.50 -16.05
C SER A 126 -22.31 4.77 -16.80
N GLY A 127 -22.66 4.32 -18.01
CA GLY A 127 -21.68 3.65 -18.84
C GLY A 127 -21.28 4.66 -19.90
N ILE A 128 -20.40 4.29 -20.82
CA ILE A 128 -20.02 5.23 -21.86
C ILE A 128 -20.92 5.04 -23.08
N TYR A 129 -21.44 6.15 -23.60
CA TYR A 129 -22.31 6.13 -24.78
C TYR A 129 -22.39 7.53 -25.38
N ALA B 1 -24.69 10.78 -19.15
CA ALA B 1 -24.32 12.09 -19.77
C ALA B 1 -24.45 12.13 -21.32
N SER B 2 -23.57 11.39 -22.01
CA SER B 2 -23.46 11.25 -23.47
C SER B 2 -21.97 11.47 -23.72
N ASN B 3 -21.20 10.74 -22.93
CA ASN B 3 -19.74 10.80 -22.85
C ASN B 3 -18.74 10.17 -23.82
N PHE B 4 -19.16 9.32 -24.75
CA PHE B 4 -18.19 8.71 -25.65
C PHE B 4 -17.57 9.68 -26.66
N THR B 5 -16.69 10.54 -26.16
CA THR B 5 -16.03 11.54 -26.98
C THR B 5 -14.52 11.47 -26.87
N GLN B 6 -13.86 12.17 -27.78
CA GLN B 6 -12.41 12.23 -27.81
C GLN B 6 -11.92 13.02 -26.60
N PHE B 7 -10.70 12.73 -26.14
CA PHE B 7 -10.12 13.45 -25.00
C PHE B 7 -8.60 13.34 -24.97
N VAL B 8 -7.96 14.06 -24.06
CA VAL B 8 -6.51 14.04 -23.96
C VAL B 8 -6.06 13.02 -22.93
N LEU B 9 -5.26 12.05 -23.36
CA LEU B 9 -4.75 11.00 -22.47
C LEU B 9 -3.44 11.46 -21.83
N VAL B 10 -2.54 11.98 -22.66
CA VAL B 10 -1.26 12.47 -22.17
C VAL B 10 -1.21 13.96 -22.48
N ASP B 11 -1.10 14.77 -21.44
CA ASP B 11 -1.07 16.21 -21.63
C ASP B 11 0.29 16.81 -21.41
N ASN B 12 0.83 17.44 -22.46
CA ASN B 12 2.11 18.09 -22.40
C ASN B 12 1.91 19.59 -22.66
N GLY B 13 0.86 20.15 -22.05
CA GLY B 13 0.57 21.57 -22.20
C GLY B 13 -0.02 22.02 -23.53
N GLY B 14 -0.33 21.07 -24.40
CA GLY B 14 -0.89 21.42 -25.70
C GLY B 14 0.04 21.01 -26.83
N THR B 15 1.34 21.19 -26.59
CA THR B 15 2.37 20.84 -27.55
C THR B 15 2.98 19.48 -27.23
N GLY B 16 2.48 18.46 -27.92
CA GLY B 16 2.98 17.12 -27.69
C GLY B 16 1.91 16.28 -27.03
N ASP B 17 0.71 16.84 -26.91
CA ASP B 17 -0.38 16.12 -26.30
C ASP B 17 -0.70 14.86 -27.07
N VAL B 18 -1.13 13.83 -26.36
CA VAL B 18 -1.52 12.59 -27.01
C VAL B 18 -3.03 12.55 -26.89
N THR B 19 -3.71 12.63 -28.02
CA THR B 19 -5.16 12.60 -28.00
C THR B 19 -5.66 11.25 -28.46
N VAL B 20 -6.67 10.76 -27.76
CA VAL B 20 -7.25 9.48 -28.06
C VAL B 20 -8.73 9.70 -28.45
N ALA B 21 -9.18 9.04 -29.51
CA ALA B 21 -10.55 9.22 -29.98
C ALA B 21 -11.37 7.94 -30.15
N PRO B 22 -12.70 8.05 -30.19
CA PRO B 22 -13.59 6.90 -30.34
C PRO B 22 -13.21 6.13 -31.58
N SER B 23 -12.94 4.83 -31.41
CA SER B 23 -12.52 3.98 -32.51
C SER B 23 -13.41 2.75 -32.70
N ASN B 24 -14.21 2.42 -31.70
CA ASN B 24 -15.10 1.27 -31.82
C ASN B 24 -16.06 1.16 -30.66
N PHE B 25 -17.24 0.60 -30.92
CA PHE B 25 -18.24 0.46 -29.86
C PHE B 25 -19.01 -0.87 -29.90
N ALA B 26 -18.38 -1.90 -30.43
CA ALA B 26 -19.03 -3.20 -30.52
C ALA B 26 -19.18 -3.86 -29.16
N ASN B 27 -20.36 -4.44 -28.92
CA ASN B 27 -20.63 -5.14 -27.66
C ASN B 27 -20.79 -4.24 -26.45
N GLY B 28 -20.90 -2.94 -26.69
CA GLY B 28 -21.04 -2.03 -25.58
C GLY B 28 -19.69 -1.57 -25.05
N VAL B 29 -18.60 -2.24 -25.42
CA VAL B 29 -17.31 -1.81 -24.93
C VAL B 29 -16.79 -0.65 -25.76
N ALA B 30 -16.58 0.48 -25.10
CA ALA B 30 -16.11 1.68 -25.75
C ALA B 30 -14.59 1.63 -25.91
N GLU B 31 -14.12 1.95 -27.11
CA GLU B 31 -12.70 1.95 -27.40
C GLU B 31 -12.26 3.28 -27.99
N TRP B 32 -11.09 3.72 -27.54
CA TRP B 32 -10.47 4.97 -27.98
C TRP B 32 -9.05 4.60 -28.37
N ILE B 33 -8.54 5.19 -29.44
CA ILE B 33 -7.14 4.95 -29.82
C ILE B 33 -6.54 6.21 -30.41
N SER B 34 -5.22 6.29 -30.37
CA SER B 34 -4.52 7.44 -30.91
C SER B 34 -4.28 7.19 -32.40
N SER B 35 -3.87 8.22 -33.10
CA SER B 35 -3.63 8.11 -34.52
C SER B 35 -2.27 7.49 -34.85
N ASN B 36 -2.19 6.17 -34.76
CA ASN B 36 -0.95 5.46 -35.03
C ASN B 36 -1.30 4.13 -35.66
N SER B 37 -0.28 3.34 -35.96
CA SER B 37 -0.51 2.02 -36.50
C SER B 37 -1.02 1.33 -35.24
N ARG B 38 -1.95 0.39 -35.37
CA ARG B 38 -2.44 -0.23 -34.15
C ARG B 38 -1.35 -0.83 -33.30
N SER B 39 -0.24 -1.21 -33.93
CA SER B 39 0.86 -1.80 -33.18
C SER B 39 1.58 -0.80 -32.28
N GLN B 40 1.39 0.48 -32.54
CA GLN B 40 2.08 1.50 -31.77
C GLN B 40 1.15 2.52 -31.11
N ALA B 41 -0.15 2.39 -31.32
CA ALA B 41 -1.07 3.36 -30.76
C ALA B 41 -1.29 3.27 -29.25
N TYR B 42 -2.00 4.27 -28.73
CA TYR B 42 -2.36 4.32 -27.33
C TYR B 42 -3.80 3.83 -27.39
N LYS B 43 -4.16 2.88 -26.54
CA LYS B 43 -5.52 2.41 -26.57
C LYS B 43 -6.17 2.49 -25.20
N VAL B 44 -7.49 2.73 -25.19
CA VAL B 44 -8.25 2.81 -23.96
C VAL B 44 -9.63 2.19 -24.22
N THR B 45 -10.04 1.26 -23.34
CA THR B 45 -11.36 0.62 -23.46
C THR B 45 -12.02 0.63 -22.08
N CYS B 46 -13.35 0.58 -22.06
CA CYS B 46 -14.09 0.62 -20.79
C CYS B 46 -15.51 0.03 -20.89
N SER B 47 -15.97 -0.61 -19.82
CA SER B 47 -17.30 -1.21 -19.80
C SER B 47 -17.82 -1.42 -18.38
N VAL B 48 -19.13 -1.56 -18.24
CA VAL B 48 -19.72 -1.78 -16.92
C VAL B 48 -20.84 -2.81 -16.96
N ARG B 49 -20.74 -3.77 -16.05
CA ARG B 49 -21.72 -4.83 -15.92
C ARG B 49 -21.93 -5.05 -14.43
N GLN B 50 -22.96 -5.79 -14.08
CA GLN B 50 -23.20 -6.05 -12.67
C GLN B 50 -22.52 -7.35 -12.35
N SER B 51 -21.35 -7.27 -11.73
CA SER B 51 -20.58 -8.45 -11.39
C SER B 51 -21.35 -9.45 -10.57
N SER B 52 -22.19 -8.96 -9.67
CA SER B 52 -22.99 -9.84 -8.82
C SER B 52 -24.23 -9.12 -8.35
N ALA B 53 -24.95 -9.77 -7.43
CA ALA B 53 -26.18 -9.22 -6.90
C ALA B 53 -25.97 -7.93 -6.11
N GLN B 54 -24.80 -7.76 -5.51
CA GLN B 54 -24.57 -6.56 -4.72
C GLN B 54 -23.66 -5.52 -5.33
N ASN B 55 -22.84 -5.91 -6.30
CA ASN B 55 -21.92 -4.95 -6.90
C ASN B 55 -22.04 -4.80 -8.42
N ARG B 56 -21.50 -3.70 -8.90
CA ARG B 56 -21.43 -3.43 -10.34
C ARG B 56 -19.93 -3.43 -10.49
N LYS B 57 -19.43 -3.45 -11.71
CA LYS B 57 -17.98 -3.46 -11.87
C LYS B 57 -17.55 -2.79 -13.16
N TYR B 58 -16.60 -1.87 -13.05
CA TYR B 58 -16.08 -1.20 -14.23
C TYR B 58 -14.80 -1.96 -14.61
N THR B 59 -14.61 -2.19 -15.90
CA THR B 59 -13.40 -2.86 -16.35
C THR B 59 -12.80 -1.87 -17.35
N ILE B 60 -11.69 -1.26 -16.92
CA ILE B 60 -11.01 -0.26 -17.72
C ILE B 60 -9.64 -0.77 -18.09
N LYS B 61 -9.28 -0.59 -19.36
CA LYS B 61 -7.98 -1.03 -19.84
C LYS B 61 -7.26 0.08 -20.63
N VAL B 62 -5.94 0.12 -20.49
CA VAL B 62 -5.13 1.09 -21.22
C VAL B 62 -3.83 0.47 -21.69
N GLU B 63 -3.44 0.80 -22.93
CA GLU B 63 -2.21 0.30 -23.52
C GLU B 63 -1.33 1.50 -23.85
N VAL B 64 -0.09 1.49 -23.37
CA VAL B 64 0.84 2.58 -23.61
C VAL B 64 2.11 2.09 -24.30
N PRO B 65 2.41 2.64 -25.49
CA PRO B 65 3.59 2.26 -26.25
C PRO B 65 4.93 2.71 -25.67
N LYS B 66 5.98 1.95 -25.96
CA LYS B 66 7.33 2.32 -25.52
C LYS B 66 7.77 3.28 -26.61
N VAL B 67 8.26 4.46 -26.23
CA VAL B 67 8.67 5.43 -27.25
C VAL B 67 10.17 5.59 -27.46
N ALA B 68 10.94 5.48 -26.38
CA ALA B 68 12.39 5.62 -26.48
C ALA B 68 12.98 4.63 -27.49
N THR B 69 13.50 5.17 -28.59
CA THR B 69 14.12 4.40 -29.68
C THR B 69 13.07 3.84 -30.65
N GLN B 70 11.81 4.15 -30.37
CA GLN B 70 10.69 3.72 -31.20
C GLN B 70 10.94 4.12 -32.64
N THR B 71 10.41 3.39 -33.60
CA THR B 71 10.61 3.73 -35.01
C THR B 71 9.24 3.91 -35.67
N VAL B 72 8.67 5.08 -35.48
CA VAL B 72 7.35 5.41 -36.00
C VAL B 72 6.91 4.75 -37.30
N GLY B 73 5.88 3.91 -37.19
CA GLY B 73 5.32 3.23 -38.35
C GLY B 73 5.94 1.88 -38.67
N GLY B 74 7.11 1.62 -38.12
CA GLY B 74 7.79 0.37 -38.38
C GLY B 74 7.24 -0.85 -37.66
N VAL B 75 7.77 -2.01 -38.04
CA VAL B 75 7.39 -3.29 -37.48
C VAL B 75 8.32 -3.57 -36.32
N GLU B 76 7.83 -3.41 -35.09
CA GLU B 76 8.67 -3.63 -33.90
C GLU B 76 8.35 -4.94 -33.15
N LEU B 77 9.26 -5.90 -33.21
CA LEU B 77 9.07 -7.17 -32.50
C LEU B 77 10.21 -7.40 -31.53
N PRO B 78 9.95 -8.11 -30.41
CA PRO B 78 8.69 -8.71 -29.98
C PRO B 78 7.73 -7.68 -29.43
N VAL B 79 6.44 -7.91 -29.60
CA VAL B 79 5.46 -6.95 -29.12
C VAL B 79 5.53 -6.66 -27.61
N ALA B 80 5.82 -7.68 -26.81
CA ALA B 80 5.88 -7.51 -25.36
C ALA B 80 7.03 -6.66 -24.89
N ALA B 81 7.88 -6.26 -25.83
CA ALA B 81 9.03 -5.44 -25.48
C ALA B 81 8.70 -3.98 -25.72
N TRP B 82 7.67 -3.74 -26.53
CA TRP B 82 7.31 -2.38 -26.86
C TRP B 82 5.98 -1.89 -26.32
N ARG B 83 5.33 -2.66 -25.47
CA ARG B 83 4.06 -2.22 -24.95
C ARG B 83 3.83 -2.46 -23.47
N SER B 84 3.12 -1.53 -22.83
CA SER B 84 2.79 -1.63 -21.42
C SER B 84 1.28 -1.80 -21.33
N TYR B 85 0.82 -2.54 -20.33
CA TYR B 85 -0.61 -2.75 -20.20
C TYR B 85 -1.15 -2.44 -18.80
N LEU B 86 -2.24 -1.67 -18.77
CA LEU B 86 -2.92 -1.31 -17.54
C LEU B 86 -4.26 -1.99 -17.57
N ALA B 87 -4.65 -2.57 -16.44
CA ALA B 87 -5.93 -3.24 -16.34
C ALA B 87 -6.53 -2.89 -14.99
N MET B 88 -7.64 -2.16 -15.02
CA MET B 88 -8.31 -1.73 -13.79
C MET B 88 -9.67 -2.37 -13.62
N LYS B 89 -9.98 -2.73 -12.37
CA LYS B 89 -11.28 -3.29 -12.06
C LYS B 89 -11.85 -2.62 -10.81
N LEU B 90 -12.88 -1.81 -11.04
CA LEU B 90 -13.54 -1.04 -10.01
C LEU B 90 -14.87 -1.67 -9.65
N THR B 91 -14.95 -2.18 -8.43
CA THR B 91 -16.16 -2.82 -7.94
C THR B 91 -16.89 -1.82 -7.06
N ILE B 92 -18.18 -1.60 -7.34
CA ILE B 92 -18.97 -0.67 -6.55
C ILE B 92 -20.33 -1.24 -6.17
N PRO B 93 -20.59 -1.36 -4.86
CA PRO B 93 -21.84 -1.89 -4.29
C PRO B 93 -23.03 -1.10 -4.82
N ILE B 94 -24.13 -1.78 -5.14
CA ILE B 94 -25.33 -1.13 -5.68
C ILE B 94 -25.87 0.00 -4.80
N PHE B 95 -25.36 0.12 -3.58
CA PHE B 95 -25.81 1.15 -2.65
C PHE B 95 -25.10 2.49 -2.79
N ALA B 96 -24.03 2.49 -3.57
CA ALA B 96 -23.27 3.71 -3.79
C ALA B 96 -24.13 4.70 -4.56
N THR B 97 -24.14 5.92 -4.07
CA THR B 97 -24.91 6.98 -4.69
C THR B 97 -23.98 7.72 -5.66
N ASN B 98 -24.49 8.73 -6.35
CA ASN B 98 -23.66 9.47 -7.27
C ASN B 98 -22.55 10.19 -6.52
N SER B 99 -22.86 10.62 -5.30
CA SER B 99 -21.89 11.31 -4.47
C SER B 99 -20.85 10.29 -4.05
N ASP B 100 -21.30 9.15 -3.56
CA ASP B 100 -20.40 8.08 -3.14
C ASP B 100 -19.39 7.84 -4.27
N CYS B 101 -19.91 7.67 -5.48
CA CYS B 101 -19.08 7.43 -6.64
C CYS B 101 -18.11 8.57 -6.93
N GLU B 102 -18.53 9.80 -6.69
CA GLU B 102 -17.66 10.93 -6.92
C GLU B 102 -16.42 10.85 -6.04
N LEU B 103 -16.63 10.46 -4.79
CA LEU B 103 -15.53 10.33 -3.85
C LEU B 103 -14.59 9.25 -4.35
N ILE B 104 -15.16 8.10 -4.73
CA ILE B 104 -14.37 7.00 -5.25
C ILE B 104 -13.46 7.49 -6.37
N VAL B 105 -13.98 8.37 -7.22
CA VAL B 105 -13.18 8.92 -8.32
C VAL B 105 -12.01 9.72 -7.74
N LYS B 106 -12.32 10.68 -6.87
CA LYS B 106 -11.29 11.51 -6.23
C LYS B 106 -10.19 10.66 -5.58
N ALA B 107 -10.60 9.55 -4.98
CA ALA B 107 -9.69 8.65 -4.31
C ALA B 107 -8.73 8.12 -5.36
N MET B 108 -9.26 7.82 -6.55
CA MET B 108 -8.43 7.32 -7.63
C MET B 108 -7.46 8.39 -8.13
N GLN B 109 -8.00 9.58 -8.32
CA GLN B 109 -7.21 10.71 -8.79
C GLN B 109 -6.04 10.93 -7.84
N GLY B 110 -6.35 10.97 -6.54
CA GLY B 110 -5.31 11.15 -5.56
C GLY B 110 -4.27 10.04 -5.61
N LEU B 111 -4.72 8.80 -5.71
CA LEU B 111 -3.80 7.66 -5.78
C LEU B 111 -2.67 7.93 -6.78
N LEU B 112 -3.05 8.42 -7.96
CA LEU B 112 -2.10 8.70 -9.03
C LEU B 112 -1.62 10.11 -9.17
N LYS B 113 -2.16 11.02 -8.35
CA LYS B 113 -1.76 12.41 -8.44
C LYS B 113 -0.25 12.53 -8.47
N ASP B 114 0.22 13.50 -9.21
CA ASP B 114 1.64 13.77 -9.34
C ASP B 114 2.27 14.06 -7.99
N GLY B 115 3.38 13.41 -7.68
CA GLY B 115 4.03 13.65 -6.40
C GLY B 115 3.74 12.62 -5.34
N ASN B 116 2.58 11.96 -5.42
CA ASN B 116 2.25 10.93 -4.44
C ASN B 116 3.07 9.66 -4.73
N PRO B 117 3.35 8.85 -3.71
CA PRO B 117 4.13 7.61 -3.76
C PRO B 117 4.01 6.67 -4.96
N ILE B 118 2.81 6.16 -5.21
CA ILE B 118 2.59 5.23 -6.31
C ILE B 118 3.13 5.66 -7.68
N PRO B 119 2.61 6.76 -8.26
CA PRO B 119 3.16 7.13 -9.57
C PRO B 119 4.65 7.41 -9.52
N SER B 120 5.12 7.90 -8.37
CA SER B 120 6.53 8.22 -8.17
C SER B 120 7.39 6.99 -8.39
N ALA B 121 6.99 5.90 -7.74
CA ALA B 121 7.71 4.64 -7.86
C ALA B 121 7.69 4.19 -9.31
N ILE B 122 6.49 4.08 -9.87
CA ILE B 122 6.31 3.66 -11.26
C ILE B 122 7.20 4.42 -12.24
N ALA B 123 7.06 5.73 -12.24
CA ALA B 123 7.80 6.62 -13.13
C ALA B 123 9.30 6.62 -12.90
N ALA B 124 9.76 5.83 -11.95
CA ALA B 124 11.18 5.78 -11.66
C ALA B 124 11.71 4.36 -11.69
N ASN B 125 10.96 3.45 -12.31
CA ASN B 125 11.35 2.05 -12.37
C ASN B 125 11.68 1.58 -10.96
N SER B 126 10.87 1.99 -9.98
CA SER B 126 11.11 1.62 -8.59
C SER B 126 9.94 1.00 -7.87
N GLY B 127 10.24 0.47 -6.68
CA GLY B 127 9.22 -0.11 -5.85
C GLY B 127 9.10 0.85 -4.68
N ILE B 128 8.65 0.36 -3.53
CA ILE B 128 8.54 1.22 -2.36
C ILE B 128 9.77 0.95 -1.47
N TYR B 129 10.38 2.03 -0.99
CA TYR B 129 11.59 1.92 -0.17
C TYR B 129 11.73 3.08 0.80
N ALA C 1 9.60 7.06 4.99
CA ALA C 1 9.07 6.82 6.35
C ALA C 1 9.13 5.33 6.68
N SER C 2 9.74 5.00 7.82
CA SER C 2 9.85 3.61 8.26
C SER C 2 9.87 3.59 9.78
N ASN C 3 9.27 2.57 10.37
CA ASN C 3 9.29 2.46 11.81
C ASN C 3 10.19 1.26 12.07
N PHE C 4 10.94 0.90 11.03
CA PHE C 4 11.89 -0.20 11.09
C PHE C 4 13.25 0.50 11.13
N THR C 5 13.44 1.24 12.21
CA THR C 5 14.65 2.02 12.47
C THR C 5 15.34 1.40 13.67
N GLN C 6 16.55 1.86 14.00
CA GLN C 6 17.20 1.33 15.18
C GLN C 6 16.77 2.17 16.36
N PHE C 7 16.81 1.60 17.55
CA PHE C 7 16.39 2.33 18.75
C PHE C 7 17.15 1.84 19.98
N VAL C 8 16.94 2.51 21.09
CA VAL C 8 17.59 2.14 22.34
C VAL C 8 16.72 1.13 23.08
N LEU C 9 17.27 -0.06 23.31
CA LEU C 9 16.53 -1.11 24.01
C LEU C 9 16.76 -0.97 25.50
N VAL C 10 18.00 -0.70 25.89
CA VAL C 10 18.35 -0.53 27.29
C VAL C 10 18.99 0.84 27.44
N ASP C 11 18.43 1.65 28.32
CA ASP C 11 18.93 3.00 28.55
C ASP C 11 19.70 3.16 29.86
N ASN C 12 21.02 3.28 29.75
CA ASN C 12 21.87 3.47 30.93
C ASN C 12 22.55 4.82 30.83
N GLY C 13 21.76 5.88 30.92
CA GLY C 13 22.32 7.21 30.79
C GLY C 13 22.59 7.45 29.32
N GLY C 14 23.79 7.95 29.01
CA GLY C 14 24.14 8.20 27.63
C GLY C 14 25.06 7.13 27.08
N THR C 15 25.82 6.52 27.98
CA THR C 15 26.75 5.47 27.62
C THR C 15 26.57 4.23 28.49
N GLY C 16 26.52 3.08 27.83
CA GLY C 16 26.30 1.82 28.50
C GLY C 16 24.95 1.40 27.94
N ASP C 17 24.49 2.19 26.98
CA ASP C 17 23.21 2.00 26.30
C ASP C 17 23.23 0.84 25.32
N VAL C 18 22.22 -0.02 25.40
CA VAL C 18 22.13 -1.14 24.49
C VAL C 18 21.30 -0.70 23.30
N THR C 19 21.90 -0.76 22.12
CA THR C 19 21.20 -0.38 20.92
C THR C 19 20.96 -1.57 20.03
N VAL C 20 19.80 -1.56 19.38
CA VAL C 20 19.41 -2.64 18.52
C VAL C 20 19.09 -2.05 17.15
N ALA C 21 19.55 -2.70 16.08
CA ALA C 21 19.32 -2.21 14.72
C ALA C 21 18.80 -3.27 13.77
N PRO C 22 17.95 -2.88 12.80
CA PRO C 22 17.35 -3.77 11.80
C PRO C 22 18.35 -4.78 11.24
N SER C 23 17.97 -6.04 11.25
CA SER C 23 18.84 -7.09 10.74
C SER C 23 18.21 -7.75 9.55
N ASN C 24 16.95 -8.12 9.69
CA ASN C 24 16.26 -8.77 8.61
C ASN C 24 14.76 -8.62 8.78
N PHE C 25 14.02 -8.76 7.69
CA PHE C 25 12.57 -8.61 7.76
C PHE C 25 11.89 -9.61 6.84
N ALA C 26 12.32 -10.87 6.90
CA ALA C 26 11.73 -11.89 6.05
C ALA C 26 10.50 -12.55 6.68
N ASN C 27 9.51 -12.83 5.83
CA ASN C 27 8.26 -13.46 6.24
C ASN C 27 7.38 -12.60 7.10
N GLY C 28 7.51 -11.28 6.96
CA GLY C 28 6.70 -10.40 7.77
C GLY C 28 7.10 -10.43 9.23
N VAL C 29 8.33 -10.83 9.50
CA VAL C 29 8.82 -10.84 10.87
C VAL C 29 10.01 -9.90 10.96
N ALA C 30 9.78 -8.74 11.58
CA ALA C 30 10.82 -7.73 11.74
C ALA C 30 11.80 -8.15 12.83
N GLU C 31 13.09 -7.94 12.57
CA GLU C 31 14.11 -8.30 13.53
C GLU C 31 15.16 -7.23 13.73
N TRP C 32 15.55 -7.05 14.98
CA TRP C 32 16.56 -6.09 15.38
C TRP C 32 17.65 -6.83 16.14
N ILE C 33 18.90 -6.40 16.01
CA ILE C 33 20.00 -7.05 16.72
C ILE C 33 21.02 -6.02 17.19
N SER C 34 21.52 -6.17 18.41
CA SER C 34 22.53 -5.23 18.92
C SER C 34 23.82 -5.56 18.16
N SER C 35 24.81 -4.68 18.22
CA SER C 35 26.05 -4.89 17.50
C SER C 35 27.09 -5.80 18.14
N ASN C 36 28.16 -6.06 17.39
CA ASN C 36 29.26 -6.93 17.80
C ASN C 36 28.86 -8.39 17.71
N SER C 37 29.72 -9.28 18.23
CA SER C 37 29.45 -10.71 18.20
C SER C 37 27.98 -11.04 18.26
N ARG C 38 27.50 -11.68 17.20
CA ARG C 38 26.10 -12.06 17.14
C ARG C 38 25.83 -12.99 18.31
N SER C 39 26.86 -13.75 18.68
CA SER C 39 26.76 -14.69 19.80
C SER C 39 26.40 -14.02 21.12
N GLN C 40 26.60 -12.71 21.21
CA GLN C 40 26.30 -11.98 22.43
C GLN C 40 25.35 -10.84 22.20
N ALA C 41 24.73 -10.79 21.04
CA ALA C 41 23.82 -9.70 20.72
C ALA C 41 22.47 -9.79 21.42
N TYR C 42 21.78 -8.66 21.43
CA TYR C 42 20.44 -8.59 21.99
C TYR C 42 19.58 -8.78 20.76
N LYS C 43 18.39 -9.33 20.92
CA LYS C 43 17.52 -9.56 19.78
C LYS C 43 16.07 -9.20 20.06
N VAL C 44 15.43 -8.58 19.08
CA VAL C 44 14.02 -8.19 19.20
C VAL C 44 13.33 -8.52 17.89
N THR C 45 12.16 -9.17 17.97
CA THR C 45 11.41 -9.49 16.77
C THR C 45 9.97 -9.07 17.01
N CYS C 46 9.30 -8.72 15.93
CA CYS C 46 7.92 -8.26 16.00
C CYS C 46 7.14 -8.55 14.73
N SER C 47 5.83 -8.80 14.87
CA SER C 47 4.97 -9.06 13.71
C SER C 47 3.50 -8.98 14.09
N VAL C 48 2.65 -8.84 13.07
CA VAL C 48 1.20 -8.75 13.27
C VAL C 48 0.50 -9.53 12.18
N ARG C 49 -0.58 -10.20 12.57
CA ARG C 49 -1.38 -10.99 11.66
C ARG C 49 -2.84 -10.88 12.08
N GLN C 50 -3.74 -11.15 11.15
CA GLN C 50 -5.16 -11.08 11.44
C GLN C 50 -5.49 -12.43 12.08
N SER C 51 -5.41 -12.52 13.41
CA SER C 51 -5.66 -13.79 14.11
C SER C 51 -7.02 -14.42 13.78
N SER C 52 -8.04 -13.59 13.62
CA SER C 52 -9.39 -14.05 13.32
C SER C 52 -10.10 -12.99 12.50
N ALA C 53 -11.42 -13.08 12.43
CA ALA C 53 -12.20 -12.12 11.67
C ALA C 53 -12.28 -10.78 12.40
N GLN C 54 -12.36 -10.85 13.72
CA GLN C 54 -12.50 -9.68 14.56
C GLN C 54 -11.21 -9.13 15.13
N ASN C 55 -10.20 -9.97 15.25
CA ASN C 55 -8.96 -9.51 15.84
C ASN C 55 -7.69 -9.62 15.03
N ARG C 56 -6.74 -8.77 15.40
CA ARG C 56 -5.42 -8.76 14.81
C ARG C 56 -4.58 -9.12 16.04
N LYS C 57 -3.43 -9.74 15.85
CA LYS C 57 -2.62 -10.15 16.98
C LYS C 57 -1.14 -9.87 16.78
N TYR C 58 -0.53 -9.19 17.76
CA TYR C 58 0.89 -8.89 17.69
C TYR C 58 1.66 -9.97 18.42
N THR C 59 2.87 -10.25 17.96
CA THR C 59 3.74 -11.23 18.59
C THR C 59 5.12 -10.56 18.66
N ILE C 60 5.50 -10.13 19.87
CA ILE C 60 6.79 -9.46 20.11
C ILE C 60 7.69 -10.42 20.87
N LYS C 61 9.00 -10.35 20.63
CA LYS C 61 9.94 -11.22 21.35
C LYS C 61 11.24 -10.50 21.62
N VAL C 62 11.80 -10.71 22.82
CA VAL C 62 13.07 -10.10 23.21
C VAL C 62 14.01 -11.08 23.91
N GLU C 63 15.29 -11.01 23.55
CA GLU C 63 16.31 -11.86 24.13
C GLU C 63 17.35 -11.00 24.83
N VAL C 64 17.62 -11.27 26.11
CA VAL C 64 18.64 -10.53 26.86
C VAL C 64 19.73 -11.54 27.19
N PRO C 65 20.93 -11.34 26.63
CA PRO C 65 22.07 -12.26 26.87
C PRO C 65 22.97 -11.89 28.01
N LYS C 66 23.51 -12.91 28.65
CA LYS C 66 24.45 -12.69 29.76
C LYS C 66 25.82 -12.93 29.14
N VAL C 67 26.47 -11.84 28.77
CA VAL C 67 27.77 -11.88 28.13
C VAL C 67 28.86 -12.57 28.92
N ALA C 68 29.62 -13.42 28.26
CA ALA C 68 30.70 -14.15 28.92
C ALA C 68 31.71 -14.74 27.94
N THR C 69 32.88 -15.11 28.45
CA THR C 69 33.91 -15.71 27.62
C THR C 69 33.96 -17.18 27.90
N GLN C 70 33.96 -17.98 26.83
CA GLN C 70 34.00 -19.41 26.98
C GLN C 70 35.31 -19.99 26.51
N THR C 71 36.12 -20.47 27.44
CA THR C 71 37.40 -21.07 27.08
C THR C 71 37.25 -22.59 27.10
N VAL C 72 37.58 -23.24 25.99
CA VAL C 72 37.48 -24.68 25.89
C VAL C 72 38.62 -25.24 25.06
N GLY C 73 39.44 -26.08 25.67
CA GLY C 73 40.57 -26.63 24.94
C GLY C 73 41.59 -25.53 24.78
N GLY C 74 41.44 -24.48 25.60
CA GLY C 74 42.36 -23.37 25.54
C GLY C 74 42.00 -22.42 24.41
N VAL C 75 40.80 -22.55 23.89
CA VAL C 75 40.34 -21.69 22.79
C VAL C 75 39.16 -20.89 23.29
N GLU C 76 39.32 -19.57 23.40
CA GLU C 76 38.18 -18.80 23.88
C GLU C 76 37.34 -18.11 22.82
N LEU C 77 36.03 -18.10 23.07
CA LEU C 77 35.06 -17.49 22.18
C LEU C 77 34.11 -16.59 22.94
N PRO C 78 33.64 -15.52 22.30
CA PRO C 78 32.72 -14.60 22.95
C PRO C 78 31.38 -15.31 22.86
N VAL C 79 30.74 -15.54 23.99
CA VAL C 79 29.46 -16.25 23.97
C VAL C 79 28.48 -15.63 24.94
N ALA C 80 27.32 -16.26 25.05
CA ALA C 80 26.30 -15.81 25.97
C ALA C 80 26.20 -16.92 27.02
N ALA C 81 26.56 -16.62 28.27
CA ALA C 81 26.49 -17.65 29.31
C ALA C 81 25.10 -18.27 29.28
N TRP C 82 24.10 -17.40 29.13
CA TRP C 82 22.70 -17.80 29.03
C TRP C 82 21.89 -16.62 28.54
N ARG C 83 20.61 -16.85 28.29
CA ARG C 83 19.75 -15.77 27.83
C ARG C 83 18.43 -15.75 28.57
N SER C 84 17.90 -14.55 28.73
CA SER C 84 16.62 -14.34 29.37
C SER C 84 15.68 -14.18 28.20
N TYR C 85 14.54 -14.87 28.22
CA TYR C 85 13.60 -14.81 27.11
C TYR C 85 12.24 -14.17 27.40
N LEU C 86 11.90 -13.16 26.60
CA LEU C 86 10.62 -12.50 26.73
C LEU C 86 9.85 -12.74 25.45
N ALA C 87 8.57 -13.06 25.61
CA ALA C 87 7.73 -13.30 24.46
C ALA C 87 6.32 -12.85 24.84
N MET C 88 5.73 -11.97 24.02
CA MET C 88 4.40 -11.51 24.31
C MET C 88 3.47 -11.45 23.11
N LYS C 89 2.18 -11.62 23.39
CA LYS C 89 1.15 -11.59 22.37
C LYS C 89 0.02 -10.66 22.81
N LEU C 90 -0.30 -9.71 21.94
CA LEU C 90 -1.32 -8.71 22.19
C LEU C 90 -2.40 -8.85 21.13
N THR C 91 -3.65 -9.01 21.55
CA THR C 91 -4.77 -9.16 20.62
C THR C 91 -5.67 -7.92 20.67
N ILE C 92 -5.98 -7.34 19.51
CA ILE C 92 -6.79 -6.14 19.46
C ILE C 92 -7.88 -6.18 18.38
N PRO C 93 -9.16 -6.07 18.80
CA PRO C 93 -10.33 -6.08 17.92
C PRO C 93 -10.18 -5.05 16.78
N ILE C 94 -10.81 -5.29 15.64
CA ILE C 94 -10.70 -4.37 14.51
C ILE C 94 -11.49 -3.08 14.76
N PHE C 95 -12.21 -3.04 15.87
CA PHE C 95 -13.01 -1.88 16.24
C PHE C 95 -12.21 -0.87 17.05
N ALA C 96 -10.98 -1.25 17.39
CA ALA C 96 -10.11 -0.37 18.16
C ALA C 96 -9.66 0.75 17.26
N THR C 97 -9.95 1.97 17.69
CA THR C 97 -9.60 3.16 16.94
C THR C 97 -8.18 3.52 17.28
N ASN C 98 -7.67 4.54 16.61
CA ASN C 98 -6.30 4.95 16.86
C ASN C 98 -6.12 5.35 18.33
N SER C 99 -7.21 5.75 18.97
CA SER C 99 -7.17 6.15 20.38
C SER C 99 -7.14 4.91 21.26
N ASP C 100 -8.09 4.01 21.00
CA ASP C 100 -8.18 2.77 21.76
C ASP C 100 -6.79 2.11 21.88
N CYS C 101 -5.99 2.23 20.83
CA CYS C 101 -4.66 1.64 20.82
C CYS C 101 -3.67 2.39 21.71
N GLU C 102 -3.69 3.71 21.64
CA GLU C 102 -2.78 4.51 22.44
C GLU C 102 -3.01 4.20 23.91
N LEU C 103 -4.25 3.90 24.25
CA LEU C 103 -4.63 3.57 25.61
C LEU C 103 -4.03 2.20 25.99
N ILE C 104 -4.20 1.24 25.09
CA ILE C 104 -3.67 -0.11 25.28
C ILE C 104 -2.16 -0.04 25.50
N VAL C 105 -1.50 0.90 24.86
CA VAL C 105 -0.05 1.05 25.01
C VAL C 105 0.26 1.63 26.40
N LYS C 106 -0.44 2.69 26.78
CA LYS C 106 -0.23 3.31 28.08
C LYS C 106 -0.35 2.26 29.16
N ALA C 107 -1.33 1.37 29.00
CA ALA C 107 -1.57 0.29 29.95
C ALA C 107 -0.34 -0.59 30.02
N MET C 108 0.31 -0.80 28.88
CA MET C 108 1.50 -1.63 28.83
C MET C 108 2.67 -0.95 29.50
N GLN C 109 2.87 0.32 29.20
CA GLN C 109 3.94 1.09 29.80
C GLN C 109 3.75 1.14 31.31
N GLY C 110 2.52 1.43 31.73
CA GLY C 110 2.21 1.51 33.15
C GLY C 110 2.49 0.20 33.85
N LEU C 111 2.18 -0.90 33.18
CA LEU C 111 2.40 -2.22 33.75
C LEU C 111 3.86 -2.43 34.17
N LEU C 112 4.77 -1.89 33.37
CA LEU C 112 6.21 -2.04 33.62
C LEU C 112 6.92 -0.83 34.21
N LYS C 113 6.18 0.25 34.45
CA LYS C 113 6.78 1.47 35.02
C LYS C 113 7.49 1.22 36.33
N ASP C 114 8.62 1.89 36.54
CA ASP C 114 9.39 1.74 37.77
C ASP C 114 8.52 1.92 39.01
N GLY C 115 8.76 1.07 40.01
CA GLY C 115 7.99 1.17 41.23
C GLY C 115 6.75 0.31 41.27
N ASN C 116 6.07 0.17 40.13
CA ASN C 116 4.88 -0.66 40.10
C ASN C 116 5.23 -2.11 40.43
N PRO C 117 4.28 -2.86 41.04
CA PRO C 117 4.41 -4.25 41.45
C PRO C 117 5.21 -5.19 40.55
N ILE C 118 4.71 -5.42 39.35
CA ILE C 118 5.36 -6.35 38.45
C ILE C 118 6.82 -6.11 38.05
N PRO C 119 7.15 -4.94 37.48
CA PRO C 119 8.57 -4.78 37.14
C PRO C 119 9.47 -4.89 38.38
N SER C 120 8.90 -4.52 39.52
CA SER C 120 9.62 -4.57 40.79
C SER C 120 9.96 -5.99 41.19
N ALA C 121 8.92 -6.82 41.29
CA ALA C 121 9.07 -8.22 41.66
C ALA C 121 10.12 -8.89 40.76
N ILE C 122 9.99 -8.69 39.45
CA ILE C 122 10.91 -9.28 38.48
C ILE C 122 12.37 -8.94 38.79
N ALA C 123 12.65 -7.65 38.84
CA ALA C 123 13.99 -7.15 39.09
C ALA C 123 14.52 -7.49 40.48
N ALA C 124 13.69 -8.12 41.29
CA ALA C 124 14.10 -8.47 42.64
C ALA C 124 14.14 -9.97 42.83
N ASN C 125 14.09 -10.70 41.72
CA ASN C 125 14.11 -12.16 41.79
C ASN C 125 12.96 -12.59 42.71
N SER C 126 11.85 -11.85 42.67
CA SER C 126 10.72 -12.17 43.53
C SER C 126 9.39 -12.36 42.79
N GLY C 127 8.40 -12.82 43.54
CA GLY C 127 7.07 -13.04 42.98
C GLY C 127 6.21 -12.02 43.68
N ILE C 128 4.95 -12.33 43.92
CA ILE C 128 4.10 -11.36 44.60
C ILE C 128 3.89 -11.79 46.06
N TYR C 129 4.16 -10.87 46.99
CA TYR C 129 4.03 -11.16 48.42
C TYR C 129 3.35 -10.03 49.18
#